data_1AH8
#
_entry.id   1AH8
#
_cell.length_a   115.540
_cell.length_b   112.900
_cell.length_c   44.720
_cell.angle_alpha   90.00
_cell.angle_beta   90.00
_cell.angle_gamma   90.00
#
_symmetry.space_group_name_H-M   'P 21 21 21'
#
loop_
_entity.id
_entity.type
_entity.pdbx_description
1 polymer 'HEAT SHOCK PROTEIN 90'
2 non-polymer GLYCEROL
3 water water
#
_entity_poly.entity_id   1
_entity_poly.type   'polypeptide(L)'
_entity_poly.pdbx_seq_one_letter_code
;MASETFEFQAEITQLMSLIINTVYSNKEIFLRELISNASDALDKIRYKSLSDPKQLETEPDLFIRITPKPEQKVLEIRDS
GIGMTKAELINNLGTIAKSGTKAFMEALSAGADVSMIGQFGVGFYSLFLVADRVQVISKSNDDEQYIWESNAGGSFTVTL
DEVNERIGRGTILRLFLKDDQLEYLEEKRIKEVIKRHSEFVAYPIQLVVTKEVEKEVPIP
;
_entity_poly.pdbx_strand_id   A,B
#
loop_
_chem_comp.id
_chem_comp.type
_chem_comp.name
_chem_comp.formula
GOL non-polymer GLYCEROL 'C3 H8 O3'
#
# COMPACT_ATOMS: atom_id res chain seq x y z
N ALA A 2 -1.08 0.05 -26.76
CA ALA A 2 -0.98 -1.05 -27.77
C ALA A 2 -1.09 -2.41 -27.09
N SER A 3 -1.92 -3.28 -27.65
CA SER A 3 -2.14 -4.62 -27.14
C SER A 3 -1.90 -5.68 -28.22
N GLU A 4 -1.13 -6.71 -27.89
CA GLU A 4 -0.82 -7.77 -28.84
C GLU A 4 -1.17 -9.14 -28.26
N THR A 5 -1.69 -10.02 -29.12
CA THR A 5 -2.06 -11.36 -28.69
C THR A 5 -1.18 -12.40 -29.38
N PHE A 6 -0.72 -13.38 -28.62
CA PHE A 6 0.11 -14.46 -29.17
C PHE A 6 -0.47 -15.76 -28.67
N GLU A 7 -0.08 -16.87 -29.28
CA GLU A 7 -0.56 -18.18 -28.85
C GLU A 7 0.56 -18.92 -28.12
N PHE A 8 0.20 -19.64 -27.06
CA PHE A 8 1.16 -20.43 -26.29
C PHE A 8 1.59 -21.57 -27.20
N GLN A 9 2.76 -22.15 -26.93
CA GLN A 9 3.19 -23.30 -27.68
C GLN A 9 2.22 -24.38 -27.19
N ALA A 10 1.85 -25.32 -28.05
CA ALA A 10 0.88 -26.36 -27.70
C ALA A 10 1.00 -26.92 -26.30
N GLU A 11 2.15 -27.49 -25.99
CA GLU A 11 2.40 -28.11 -24.70
C GLU A 11 2.14 -27.23 -23.49
N ILE A 12 2.27 -25.93 -23.65
CA ILE A 12 2.03 -25.04 -22.52
C ILE A 12 0.54 -24.91 -22.31
N THR A 13 -0.20 -24.82 -23.41
CA THR A 13 -1.65 -24.70 -23.33
C THR A 13 -2.24 -25.97 -22.75
N GLN A 14 -1.61 -27.10 -23.06
CA GLN A 14 -2.06 -28.40 -22.59
C GLN A 14 -1.89 -28.53 -21.07
N LEU A 15 -0.75 -28.06 -20.56
CA LEU A 15 -0.50 -28.14 -19.12
C LEU A 15 -1.39 -27.16 -18.36
N MET A 16 -1.64 -25.99 -18.95
CA MET A 16 -2.49 -25.00 -18.30
C MET A 16 -3.92 -25.53 -18.18
N SER A 17 -4.36 -26.32 -19.16
CA SER A 17 -5.70 -26.91 -19.14
C SER A 17 -5.77 -27.96 -18.03
N LEU A 18 -4.76 -28.80 -17.96
CA LEU A 18 -4.70 -29.84 -16.94
C LEU A 18 -4.74 -29.21 -15.55
N ILE A 19 -3.85 -28.25 -15.31
CA ILE A 19 -3.73 -27.58 -14.03
C ILE A 19 -4.95 -26.76 -13.61
N ILE A 20 -5.55 -26.02 -14.54
CA ILE A 20 -6.70 -25.20 -14.19
C ILE A 20 -7.93 -26.01 -13.84
N ASN A 21 -7.94 -27.28 -14.22
CA ASN A 21 -9.09 -28.14 -13.93
C ASN A 21 -8.78 -29.30 -13.00
N THR A 22 -7.51 -29.51 -12.69
CA THR A 22 -7.13 -30.62 -11.82
C THR A 22 -7.80 -30.52 -10.45
N VAL A 23 -7.99 -31.67 -9.81
CA VAL A 23 -8.65 -31.72 -8.51
C VAL A 23 -7.71 -31.62 -7.33
N TYR A 24 -6.41 -31.81 -7.58
CA TYR A 24 -5.39 -31.72 -6.54
C TYR A 24 -5.88 -31.13 -5.22
N SER A 25 -5.54 -31.80 -4.11
CA SER A 25 -5.97 -31.35 -2.80
C SER A 25 -4.96 -30.54 -1.99
N ASN A 26 -3.85 -30.17 -2.61
CA ASN A 26 -2.84 -29.37 -1.91
C ASN A 26 -2.40 -28.23 -2.82
N LYS A 27 -3.34 -27.36 -3.17
CA LYS A 27 -3.07 -26.23 -4.06
C LYS A 27 -2.16 -25.15 -3.49
N GLU A 28 -1.96 -25.16 -2.17
CA GLU A 28 -1.13 -24.16 -1.53
C GLU A 28 0.30 -24.14 -2.05
N ILE A 29 0.68 -25.20 -2.78
CA ILE A 29 2.03 -25.29 -3.33
C ILE A 29 2.32 -24.16 -4.33
N PHE A 30 1.27 -23.56 -4.89
CA PHE A 30 1.44 -22.49 -5.85
C PHE A 30 2.28 -21.33 -5.29
N LEU A 31 2.07 -21.00 -4.02
CA LEU A 31 2.81 -19.89 -3.42
C LEU A 31 4.30 -20.19 -3.33
N ARG A 32 4.63 -21.42 -2.95
CA ARG A 32 6.01 -21.83 -2.84
C ARG A 32 6.72 -21.68 -4.19
N GLU A 33 6.02 -22.03 -5.26
CA GLU A 33 6.59 -21.92 -6.60
C GLU A 33 6.83 -20.47 -7.01
N LEU A 34 5.84 -19.62 -6.76
CA LEU A 34 5.94 -18.21 -7.12
C LEU A 34 6.96 -17.47 -6.26
N ILE A 35 7.15 -17.93 -5.03
CA ILE A 35 8.13 -17.31 -4.13
C ILE A 35 9.52 -17.72 -4.63
N SER A 36 9.63 -18.95 -5.12
CA SER A 36 10.90 -19.45 -5.65
C SER A 36 11.31 -18.62 -6.86
N ASN A 37 10.36 -18.40 -7.78
CA ASN A 37 10.61 -17.63 -8.98
C ASN A 37 10.97 -16.18 -8.64
N ALA A 38 10.30 -15.63 -7.62
CA ALA A 38 10.59 -14.27 -7.19
C ALA A 38 12.02 -14.20 -6.66
N SER A 39 12.39 -15.18 -5.85
CA SER A 39 13.73 -15.24 -5.30
C SER A 39 14.75 -15.26 -6.44
N ASP A 40 14.45 -16.05 -7.47
CA ASP A 40 15.33 -16.16 -8.65
C ASP A 40 15.47 -14.82 -9.40
N ALA A 41 14.37 -14.09 -9.51
CA ALA A 41 14.37 -12.81 -10.20
C ALA A 41 15.19 -11.77 -9.41
N LEU A 42 15.17 -11.85 -8.09
CA LEU A 42 15.92 -10.93 -7.25
C LEU A 42 17.42 -11.25 -7.36
N ASP A 43 17.76 -12.53 -7.35
CA ASP A 43 19.15 -12.95 -7.50
C ASP A 43 19.77 -12.37 -8.78
N LYS A 44 18.99 -12.41 -9.86
CA LYS A 44 19.44 -11.91 -11.15
C LYS A 44 19.81 -10.45 -11.13
N ILE A 45 19.02 -9.64 -10.43
CA ILE A 45 19.32 -8.21 -10.38
C ILE A 45 20.43 -7.94 -9.38
N ARG A 46 20.51 -8.76 -8.34
CA ARG A 46 21.54 -8.62 -7.31
C ARG A 46 22.89 -8.84 -7.98
N TYR A 47 22.97 -9.93 -8.75
CA TYR A 47 24.20 -10.29 -9.45
C TYR A 47 24.61 -9.18 -10.42
N LYS A 48 23.69 -8.82 -11.30
CA LYS A 48 23.91 -7.78 -12.27
C LYS A 48 24.36 -6.46 -11.63
N SER A 49 23.84 -6.16 -10.44
CA SER A 49 24.18 -4.91 -9.76
C SER A 49 25.59 -4.85 -9.17
N LEU A 50 26.22 -6.00 -8.96
CA LEU A 50 27.57 -6.04 -8.40
C LEU A 50 28.54 -5.20 -9.21
N SER A 51 28.55 -5.42 -10.53
CA SER A 51 29.41 -4.69 -11.44
C SER A 51 28.67 -3.47 -12.02
N ASP A 52 27.34 -3.51 -11.95
CA ASP A 52 26.50 -2.43 -12.47
C ASP A 52 25.54 -1.90 -11.39
N PRO A 53 26.09 -1.29 -10.32
CA PRO A 53 25.29 -0.75 -9.22
C PRO A 53 24.16 0.20 -9.63
N LYS A 54 24.35 0.93 -10.72
CA LYS A 54 23.33 1.88 -11.17
C LYS A 54 22.01 1.17 -11.47
N GLN A 55 22.07 -0.12 -11.77
CA GLN A 55 20.87 -0.88 -12.09
C GLN A 55 19.87 -0.91 -10.94
N LEU A 56 20.36 -0.79 -9.71
CA LEU A 56 19.48 -0.83 -8.56
C LEU A 56 18.75 0.48 -8.30
N GLU A 57 19.31 1.59 -8.78
CA GLU A 57 18.73 2.91 -8.58
C GLU A 57 17.25 3.07 -8.90
N THR A 58 16.73 2.22 -9.79
CA THR A 58 15.31 2.30 -10.13
C THR A 58 14.48 1.78 -8.96
N GLU A 59 15.06 0.88 -8.18
CA GLU A 59 14.44 0.30 -7.00
C GLU A 59 15.58 -0.26 -6.16
N PRO A 60 16.10 0.54 -5.23
CA PRO A 60 17.22 0.16 -4.34
C PRO A 60 17.02 -1.10 -3.49
N ASP A 61 15.81 -1.29 -2.98
CA ASP A 61 15.49 -2.44 -2.13
C ASP A 61 15.12 -3.71 -2.87
N LEU A 62 15.70 -4.82 -2.45
CA LEU A 62 15.41 -6.11 -3.05
C LEU A 62 14.44 -6.82 -2.09
N PHE A 63 13.22 -7.09 -2.55
CA PHE A 63 12.22 -7.73 -1.69
C PHE A 63 11.12 -8.47 -2.44
N ILE A 64 10.36 -9.25 -1.69
CA ILE A 64 9.21 -9.97 -2.19
C ILE A 64 8.07 -9.41 -1.35
N ARG A 65 6.97 -9.05 -1.99
CA ARG A 65 5.84 -8.48 -1.28
C ARG A 65 4.55 -9.18 -1.69
N ILE A 66 3.75 -9.59 -0.70
CA ILE A 66 2.50 -10.28 -0.98
C ILE A 66 1.37 -9.42 -0.47
N THR A 67 0.50 -9.01 -1.38
CA THR A 67 -0.61 -8.14 -1.03
C THR A 67 -2.00 -8.67 -1.35
N PRO A 68 -2.72 -9.20 -0.34
CA PRO A 68 -4.07 -9.68 -0.65
C PRO A 68 -5.00 -8.48 -0.89
N LYS A 69 -5.90 -8.60 -1.87
CA LYS A 69 -6.84 -7.53 -2.18
C LYS A 69 -8.23 -8.14 -2.22
N PRO A 70 -8.85 -8.31 -1.04
CA PRO A 70 -10.19 -8.89 -0.87
C PRO A 70 -11.31 -8.37 -1.76
N GLU A 71 -11.45 -7.05 -1.84
CA GLU A 71 -12.51 -6.44 -2.66
C GLU A 71 -12.53 -6.97 -4.09
N GLN A 72 -11.35 -7.21 -4.65
CA GLN A 72 -11.24 -7.71 -6.02
C GLN A 72 -10.96 -9.19 -6.10
N LYS A 73 -10.90 -9.85 -4.95
CA LYS A 73 -10.60 -11.27 -4.92
C LYS A 73 -9.30 -11.48 -5.70
N VAL A 74 -8.32 -10.65 -5.39
CA VAL A 74 -7.01 -10.70 -6.04
C VAL A 74 -5.89 -10.88 -5.02
N LEU A 75 -4.85 -11.60 -5.44
CA LEU A 75 -3.67 -11.80 -4.61
C LEU A 75 -2.47 -11.44 -5.47
N GLU A 76 -1.73 -10.41 -5.05
CA GLU A 76 -0.56 -9.96 -5.78
C GLU A 76 0.74 -10.40 -5.11
N ILE A 77 1.65 -10.97 -5.90
CA ILE A 77 2.95 -11.41 -5.41
C ILE A 77 3.99 -10.59 -6.16
N ARG A 78 4.58 -9.63 -5.46
CA ARG A 78 5.56 -8.73 -6.06
C ARG A 78 7.00 -8.99 -5.63
N ASP A 79 7.93 -8.72 -6.54
CA ASP A 79 9.36 -8.82 -6.27
C ASP A 79 10.02 -7.64 -6.99
N SER A 80 11.15 -7.17 -6.46
CA SER A 80 11.85 -6.04 -7.09
C SER A 80 13.03 -6.64 -7.84
N GLY A 81 12.78 -7.79 -8.47
CA GLY A 81 13.80 -8.49 -9.23
C GLY A 81 14.19 -7.80 -10.52
N ILE A 82 14.86 -8.55 -11.38
CA ILE A 82 15.31 -8.04 -12.66
C ILE A 82 14.18 -7.65 -13.63
N GLY A 83 12.96 -8.13 -13.37
CA GLY A 83 11.85 -7.79 -14.24
C GLY A 83 11.94 -8.38 -15.64
N MET A 84 10.90 -8.16 -16.45
CA MET A 84 10.88 -8.68 -17.81
C MET A 84 10.46 -7.62 -18.84
N THR A 85 11.20 -7.54 -19.94
CA THR A 85 10.89 -6.60 -21.02
C THR A 85 9.71 -7.24 -21.77
N LYS A 86 9.11 -6.50 -22.70
CA LYS A 86 7.98 -7.02 -23.47
C LYS A 86 8.39 -8.31 -24.16
N ALA A 87 9.60 -8.34 -24.69
CA ALA A 87 10.10 -9.52 -25.37
C ALA A 87 10.27 -10.69 -24.44
N GLU A 88 10.73 -10.44 -23.22
CA GLU A 88 10.95 -11.51 -22.26
C GLU A 88 9.64 -12.09 -21.75
N LEU A 89 8.64 -11.25 -21.58
CA LEU A 89 7.33 -11.71 -21.09
C LEU A 89 6.79 -12.72 -22.10
N ILE A 90 6.81 -12.34 -23.38
CA ILE A 90 6.32 -13.18 -24.44
C ILE A 90 7.03 -14.52 -24.48
N ASN A 91 8.35 -14.48 -24.59
CA ASN A 91 9.16 -15.68 -24.68
C ASN A 91 9.15 -16.56 -23.42
N ASN A 92 9.54 -15.96 -22.30
CA ASN A 92 9.61 -16.66 -21.02
C ASN A 92 8.30 -17.33 -20.57
N LEU A 93 7.21 -16.59 -20.67
CA LEU A 93 5.89 -17.09 -20.24
C LEU A 93 5.04 -17.76 -21.32
N GLY A 94 5.27 -17.43 -22.58
CA GLY A 94 4.45 -18.05 -23.62
C GLY A 94 5.10 -19.04 -24.56
N THR A 95 6.43 -19.17 -24.51
CA THR A 95 7.11 -20.05 -25.47
C THR A 95 8.19 -20.99 -24.94
N ILE A 96 9.15 -20.41 -24.24
CA ILE A 96 10.28 -21.15 -23.74
C ILE A 96 10.01 -22.29 -22.76
N ALA A 97 8.82 -22.32 -22.16
CA ALA A 97 8.52 -23.38 -21.22
C ALA A 97 7.99 -24.62 -21.95
N LYS A 98 7.95 -24.56 -23.27
CA LYS A 98 7.44 -25.68 -24.07
C LYS A 98 7.93 -27.07 -23.70
N SER A 99 9.24 -27.28 -23.69
CA SER A 99 9.74 -28.61 -23.38
C SER A 99 9.54 -29.00 -21.91
N GLY A 100 9.54 -28.02 -21.02
CA GLY A 100 9.33 -28.31 -19.61
C GLY A 100 7.92 -28.80 -19.34
N THR A 101 6.94 -28.14 -19.93
CA THR A 101 5.55 -28.50 -19.75
C THR A 101 5.21 -29.83 -20.43
N LYS A 102 5.91 -30.15 -21.51
CA LYS A 102 5.68 -31.41 -22.21
C LYS A 102 6.25 -32.55 -21.37
N ALA A 103 7.45 -32.35 -20.84
CA ALA A 103 8.08 -33.37 -20.01
C ALA A 103 7.22 -33.56 -18.76
N PHE A 104 6.80 -32.46 -18.13
CA PHE A 104 5.98 -32.53 -16.92
C PHE A 104 4.64 -33.22 -17.18
N MET A 105 4.01 -32.87 -18.30
CA MET A 105 2.74 -33.49 -18.68
C MET A 105 2.94 -35.00 -18.78
N GLU A 106 4.07 -35.39 -19.36
CA GLU A 106 4.42 -36.79 -19.53
C GLU A 106 4.62 -37.50 -18.20
N ALA A 107 5.21 -36.79 -17.24
CA ALA A 107 5.44 -37.33 -15.91
C ALA A 107 4.10 -37.53 -15.19
N LEU A 108 3.24 -36.52 -15.27
CA LEU A 108 1.93 -36.58 -14.62
C LEU A 108 1.13 -37.79 -15.13
N SER A 109 1.16 -38.01 -16.45
CA SER A 109 0.45 -39.14 -17.03
C SER A 109 1.02 -40.44 -16.49
N ALA A 110 2.31 -40.44 -16.19
CA ALA A 110 2.99 -41.61 -15.66
C ALA A 110 2.77 -41.73 -14.14
N GLY A 111 2.01 -40.80 -13.58
CA GLY A 111 1.70 -40.85 -12.16
C GLY A 111 2.39 -39.89 -11.21
N ALA A 112 3.19 -38.96 -11.71
CA ALA A 112 3.88 -38.03 -10.82
C ALA A 112 2.88 -37.13 -10.13
N ASP A 113 3.29 -36.56 -9.00
CA ASP A 113 2.44 -35.66 -8.25
C ASP A 113 2.60 -34.23 -8.78
N VAL A 114 1.51 -33.47 -8.82
CA VAL A 114 1.53 -32.09 -9.31
C VAL A 114 2.58 -31.22 -8.61
N SER A 115 2.90 -31.58 -7.37
CA SER A 115 3.86 -30.85 -6.58
C SER A 115 5.27 -30.85 -7.18
N MET A 116 5.51 -31.73 -8.14
CA MET A 116 6.82 -31.86 -8.80
C MET A 116 7.06 -30.78 -9.86
N ILE A 117 6.02 -30.01 -10.17
CA ILE A 117 6.08 -28.98 -11.19
C ILE A 117 7.34 -28.11 -11.19
N GLY A 118 7.79 -27.66 -10.02
CA GLY A 118 8.97 -26.83 -9.96
C GLY A 118 10.21 -27.55 -10.46
N GLN A 119 10.25 -28.86 -10.27
CA GLN A 119 11.39 -29.67 -10.69
C GLN A 119 11.54 -29.63 -12.21
N PHE A 120 10.46 -29.30 -12.91
CA PHE A 120 10.48 -29.23 -14.36
C PHE A 120 10.61 -27.79 -14.89
N GLY A 121 10.87 -26.87 -13.97
CA GLY A 121 11.06 -25.47 -14.30
C GLY A 121 9.85 -24.70 -14.76
N VAL A 122 8.67 -25.28 -14.59
CA VAL A 122 7.44 -24.61 -15.02
C VAL A 122 6.47 -24.36 -13.87
N GLY A 123 7.04 -24.17 -12.68
CA GLY A 123 6.24 -23.92 -11.49
C GLY A 123 5.32 -22.74 -11.63
N PHE A 124 5.69 -21.80 -12.50
CA PHE A 124 4.87 -20.62 -12.73
C PHE A 124 3.41 -20.96 -12.99
N TYR A 125 3.15 -21.93 -13.87
CA TYR A 125 1.76 -22.30 -14.19
C TYR A 125 0.95 -22.91 -13.06
N SER A 126 1.60 -23.23 -11.94
CA SER A 126 0.88 -23.80 -10.80
C SER A 126 -0.13 -22.78 -10.21
N LEU A 127 0.00 -21.52 -10.60
CA LEU A 127 -0.91 -20.48 -10.12
C LEU A 127 -2.37 -20.74 -10.54
N PHE A 128 -2.55 -21.45 -11.65
CA PHE A 128 -3.89 -21.77 -12.13
C PHE A 128 -4.58 -22.82 -11.27
N LEU A 129 -3.89 -23.25 -10.23
CA LEU A 129 -4.45 -24.20 -9.30
C LEU A 129 -5.46 -23.43 -8.46
N VAL A 130 -5.19 -22.15 -8.24
CA VAL A 130 -6.06 -21.30 -7.43
C VAL A 130 -6.62 -20.06 -8.14
N ALA A 131 -6.16 -19.80 -9.35
CA ALA A 131 -6.63 -18.64 -10.11
C ALA A 131 -7.04 -19.07 -11.52
N ASP A 132 -8.06 -18.40 -12.05
CA ASP A 132 -8.55 -18.71 -13.39
C ASP A 132 -8.08 -17.65 -14.37
N ARG A 133 -7.28 -16.71 -13.86
CA ARG A 133 -6.77 -15.62 -14.66
C ARG A 133 -5.58 -14.99 -13.93
N VAL A 134 -4.68 -14.38 -14.69
CA VAL A 134 -3.51 -13.74 -14.11
C VAL A 134 -2.97 -12.59 -14.97
N GLN A 135 -2.54 -11.53 -14.29
CA GLN A 135 -1.95 -10.38 -14.95
C GLN A 135 -0.53 -10.30 -14.42
N VAL A 136 0.45 -10.34 -15.32
CA VAL A 136 1.84 -10.23 -14.92
C VAL A 136 2.28 -8.83 -15.34
N ILE A 137 2.45 -7.95 -14.35
CA ILE A 137 2.89 -6.58 -14.63
C ILE A 137 4.38 -6.54 -14.35
N SER A 138 5.17 -6.23 -15.37
CA SER A 138 6.61 -6.22 -15.17
C SER A 138 7.28 -4.94 -15.66
N LYS A 139 8.34 -4.55 -14.95
CA LYS A 139 9.11 -3.38 -15.32
C LYS A 139 10.58 -3.75 -15.26
N SER A 140 11.20 -3.86 -16.43
CA SER A 140 12.62 -4.18 -16.51
C SER A 140 13.34 -2.85 -16.76
N ASN A 141 14.60 -2.77 -16.35
CA ASN A 141 15.35 -1.54 -16.57
C ASN A 141 15.46 -1.27 -18.07
N ASP A 142 15.33 -2.33 -18.87
CA ASP A 142 15.44 -2.23 -20.32
C ASP A 142 14.16 -2.00 -21.12
N ASP A 143 13.05 -1.68 -20.46
CA ASP A 143 11.83 -1.50 -21.22
C ASP A 143 10.81 -0.71 -20.41
N GLU A 144 9.65 -0.51 -20.99
CA GLU A 144 8.58 0.19 -20.32
C GLU A 144 7.85 -0.86 -19.48
N GLN A 145 6.88 -0.43 -18.69
CA GLN A 145 6.10 -1.36 -17.88
C GLN A 145 5.03 -1.98 -18.79
N TYR A 146 4.98 -3.31 -18.80
CA TYR A 146 4.02 -4.05 -19.62
C TYR A 146 3.16 -4.97 -18.77
N ILE A 147 2.03 -5.37 -19.33
CA ILE A 147 1.11 -6.28 -18.69
C ILE A 147 0.95 -7.48 -19.61
N TRP A 148 1.23 -8.66 -19.08
CA TRP A 148 1.08 -9.89 -19.83
C TRP A 148 -0.17 -10.48 -19.20
N GLU A 149 -1.11 -10.96 -20.00
CA GLU A 149 -2.33 -11.52 -19.41
C GLU A 149 -2.80 -12.81 -20.06
N SER A 150 -3.42 -13.67 -19.26
CA SER A 150 -3.95 -14.93 -19.73
C SER A 150 -4.95 -15.54 -18.75
N ASN A 151 -5.98 -16.18 -19.31
CA ASN A 151 -7.01 -16.85 -18.54
C ASN A 151 -6.99 -18.33 -18.94
N ALA A 152 -5.83 -18.76 -19.40
CA ALA A 152 -5.60 -20.14 -19.83
C ALA A 152 -6.49 -20.51 -21.02
N GLY A 153 -6.59 -19.61 -21.99
CA GLY A 153 -7.42 -19.88 -23.15
C GLY A 153 -6.64 -20.26 -24.41
N GLY A 154 -5.36 -20.58 -24.25
CA GLY A 154 -4.54 -20.95 -25.39
C GLY A 154 -3.74 -19.79 -25.96
N SER A 155 -4.13 -18.58 -25.58
CA SER A 155 -3.44 -17.39 -26.03
C SER A 155 -3.26 -16.38 -24.89
N PHE A 156 -2.36 -15.43 -25.10
CA PHE A 156 -2.09 -14.42 -24.09
C PHE A 156 -1.89 -13.07 -24.79
N THR A 157 -2.12 -11.99 -24.06
CA THR A 157 -1.95 -10.65 -24.62
C THR A 157 -0.89 -9.90 -23.82
N VAL A 158 -0.19 -9.00 -24.49
CA VAL A 158 0.84 -8.16 -23.86
C VAL A 158 0.44 -6.71 -24.15
N THR A 159 0.28 -5.91 -23.11
CA THR A 159 -0.15 -4.53 -23.27
C THR A 159 0.74 -3.53 -22.55
N LEU A 160 1.00 -2.39 -23.17
CA LEU A 160 1.81 -1.34 -22.54
C LEU A 160 0.97 -0.87 -21.37
N ASP A 161 1.57 -0.87 -20.18
CA ASP A 161 0.85 -0.49 -18.98
C ASP A 161 0.53 1.00 -18.91
N GLU A 162 -0.77 1.29 -18.90
CA GLU A 162 -1.27 2.66 -18.83
C GLU A 162 -2.39 2.77 -17.80
N VAL A 163 -2.52 1.75 -16.96
CA VAL A 163 -3.57 1.75 -15.93
C VAL A 163 -3.03 1.45 -14.54
N ASN A 164 -1.99 0.63 -14.45
CA ASN A 164 -1.44 0.25 -13.15
C ASN A 164 -0.42 1.23 -12.60
N GLU A 165 -0.23 1.17 -11.29
CA GLU A 165 0.74 2.01 -10.63
C GLU A 165 2.08 1.66 -11.25
N ARG A 166 2.94 2.66 -11.44
CA ARG A 166 4.24 2.41 -12.03
C ARG A 166 5.22 1.95 -10.96
N ILE A 167 5.85 0.80 -11.18
CA ILE A 167 6.81 0.30 -10.21
C ILE A 167 8.22 0.63 -10.67
N GLY A 168 9.14 0.77 -9.71
CA GLY A 168 10.50 1.11 -10.05
C GLY A 168 11.15 0.04 -10.90
N ARG A 169 11.03 -1.20 -10.45
CA ARG A 169 11.60 -2.33 -11.16
C ARG A 169 11.11 -3.62 -10.51
N GLY A 170 10.87 -4.62 -11.34
CA GLY A 170 10.41 -5.89 -10.81
C GLY A 170 9.18 -6.42 -11.52
N THR A 171 8.58 -7.44 -10.90
CA THR A 171 7.40 -8.09 -11.45
C THR A 171 6.33 -8.29 -10.41
N ILE A 172 5.08 -8.21 -10.85
CA ILE A 172 3.94 -8.42 -9.99
C ILE A 172 3.09 -9.51 -10.67
N LEU A 173 2.71 -10.51 -9.89
CA LEU A 173 1.86 -11.57 -10.41
C LEU A 173 0.54 -11.23 -9.71
N ARG A 174 -0.44 -10.78 -10.48
CA ARG A 174 -1.74 -10.43 -9.94
C ARG A 174 -2.66 -11.61 -10.22
N LEU A 175 -2.95 -12.39 -9.18
CA LEU A 175 -3.80 -13.55 -9.32
C LEU A 175 -5.27 -13.26 -9.03
N PHE A 176 -6.13 -13.58 -9.97
CA PHE A 176 -7.56 -13.40 -9.79
C PHE A 176 -8.02 -14.77 -9.31
N LEU A 177 -8.16 -14.89 -8.00
CA LEU A 177 -8.53 -16.14 -7.35
C LEU A 177 -9.87 -16.76 -7.72
N LYS A 178 -9.89 -18.08 -7.83
CA LYS A 178 -11.11 -18.79 -8.13
C LYS A 178 -12.00 -18.60 -6.90
N ASP A 179 -13.32 -18.66 -7.11
CA ASP A 179 -14.27 -18.46 -6.03
C ASP A 179 -14.16 -19.39 -4.82
N ASP A 180 -13.57 -20.56 -5.00
CA ASP A 180 -13.45 -21.49 -3.89
C ASP A 180 -12.03 -21.53 -3.31
N GLN A 181 -11.22 -20.53 -3.63
CA GLN A 181 -9.85 -20.48 -3.13
C GLN A 181 -9.55 -19.17 -2.44
N LEU A 182 -10.59 -18.50 -1.94
CA LEU A 182 -10.40 -17.21 -1.28
C LEU A 182 -9.71 -17.25 0.08
N GLU A 183 -9.37 -18.44 0.56
CA GLU A 183 -8.69 -18.54 1.84
C GLU A 183 -7.31 -17.89 1.72
N TYR A 184 -6.81 -17.77 0.49
CA TYR A 184 -5.50 -17.18 0.25
C TYR A 184 -5.48 -15.66 0.25
N LEU A 185 -6.55 -15.07 0.78
CA LEU A 185 -6.66 -13.62 0.90
C LEU A 185 -6.46 -13.32 2.38
N GLU A 186 -6.59 -14.37 3.19
CA GLU A 186 -6.48 -14.29 4.64
C GLU A 186 -5.03 -14.26 5.14
N GLU A 187 -4.71 -13.25 5.94
CA GLU A 187 -3.37 -13.08 6.49
C GLU A 187 -2.85 -14.31 7.20
N LYS A 188 -3.68 -14.90 8.05
CA LYS A 188 -3.28 -16.09 8.81
C LYS A 188 -2.90 -17.24 7.88
N ARG A 189 -3.77 -17.55 6.93
CA ARG A 189 -3.51 -18.64 6.00
C ARG A 189 -2.25 -18.37 5.16
N ILE A 190 -2.14 -17.15 4.63
CA ILE A 190 -0.99 -16.80 3.80
C ILE A 190 0.31 -16.96 4.58
N LYS A 191 0.27 -16.54 5.85
CA LYS A 191 1.42 -16.60 6.76
C LYS A 191 1.88 -18.04 6.98
N GLU A 192 0.92 -18.92 7.25
CA GLU A 192 1.22 -20.31 7.48
C GLU A 192 1.89 -20.95 6.25
N VAL A 193 1.34 -20.64 5.07
CA VAL A 193 1.89 -21.18 3.84
C VAL A 193 3.32 -20.68 3.58
N ILE A 194 3.55 -19.38 3.75
CA ILE A 194 4.87 -18.79 3.54
C ILE A 194 5.95 -19.40 4.44
N LYS A 195 5.67 -19.50 5.74
CA LYS A 195 6.63 -20.05 6.70
C LYS A 195 6.97 -21.53 6.49
N ARG A 196 6.03 -22.25 5.90
CA ARG A 196 6.20 -23.67 5.63
C ARG A 196 7.36 -24.01 4.68
N HIS A 197 7.70 -23.11 3.77
CA HIS A 197 8.77 -23.41 2.82
C HIS A 197 9.72 -22.29 2.45
N SER A 198 9.62 -21.15 3.12
CA SER A 198 10.48 -20.00 2.79
C SER A 198 11.69 -19.77 3.69
N GLU A 199 12.16 -20.81 4.39
CA GLU A 199 13.30 -20.65 5.27
C GLU A 199 14.56 -20.21 4.51
N PHE A 200 14.75 -20.78 3.32
CA PHE A 200 15.90 -20.49 2.46
C PHE A 200 15.95 -19.08 1.86
N VAL A 201 14.78 -18.50 1.59
CA VAL A 201 14.69 -17.17 0.98
C VAL A 201 15.58 -16.13 1.67
N ALA A 202 16.48 -15.53 0.89
CA ALA A 202 17.43 -14.54 1.39
C ALA A 202 16.99 -13.09 1.29
N TYR A 203 15.71 -12.87 0.98
CA TYR A 203 15.21 -11.51 0.87
C TYR A 203 13.99 -11.38 1.78
N PRO A 204 13.70 -10.16 2.24
CA PRO A 204 12.53 -10.02 3.11
C PRO A 204 11.25 -10.33 2.36
N ILE A 205 10.35 -11.06 3.01
CA ILE A 205 9.06 -11.38 2.41
C ILE A 205 8.05 -10.59 3.23
N GLN A 206 7.54 -9.50 2.63
CA GLN A 206 6.59 -8.64 3.31
C GLN A 206 5.15 -8.94 2.98
N LEU A 207 4.31 -8.90 4.02
CA LEU A 207 2.89 -9.15 3.89
C LEU A 207 2.18 -7.83 4.17
N VAL A 208 1.42 -7.35 3.20
CA VAL A 208 0.68 -6.11 3.36
C VAL A 208 -0.78 -6.45 3.63
N VAL A 209 -1.26 -6.04 4.80
CA VAL A 209 -2.63 -6.34 5.20
C VAL A 209 -3.35 -5.11 5.70
N THR A 210 -4.65 -5.05 5.41
CA THR A 210 -5.49 -3.96 5.87
C THR A 210 -6.51 -4.60 6.81
N LYS A 211 -6.52 -4.15 8.05
CA LYS A 211 -7.43 -4.70 9.04
C LYS A 211 -8.09 -3.57 9.82
N GLU A 212 -9.39 -3.69 10.04
CA GLU A 212 -10.12 -2.68 10.79
C GLU A 212 -9.89 -2.91 12.28
N VAL A 213 -9.27 -1.92 12.93
CA VAL A 213 -8.98 -1.99 14.36
C VAL A 213 -10.21 -2.48 15.12
N GLU A 214 -10.11 -3.68 15.70
CA GLU A 214 -11.20 -4.30 16.44
C GLU A 214 -11.37 -3.84 17.89
N LYS A 215 -10.92 -4.67 18.82
CA LYS A 215 -11.00 -4.36 20.25
C LYS A 215 -10.41 -5.49 21.09
N GLU A 216 -10.64 -5.44 22.40
CA GLU A 216 -10.15 -6.45 23.33
C GLU A 216 -10.73 -7.84 22.99
N ALA B 2 5.15 23.54 -4.76
CA ALA B 2 4.94 24.83 -4.05
C ALA B 2 4.45 25.93 -4.98
N SER B 3 3.34 25.68 -5.66
CA SER B 3 2.78 26.66 -6.57
C SER B 3 2.59 28.02 -5.89
N GLU B 4 1.98 28.04 -4.71
CA GLU B 4 1.76 29.30 -4.00
C GLU B 4 2.15 29.25 -2.53
N THR B 5 2.71 30.35 -2.03
CA THR B 5 3.16 30.44 -0.63
C THR B 5 2.40 31.51 0.15
N PHE B 6 2.01 31.18 1.38
CA PHE B 6 1.28 32.11 2.24
C PHE B 6 1.88 32.10 3.64
N GLU B 7 1.46 33.06 4.46
CA GLU B 7 1.93 33.19 5.83
C GLU B 7 0.78 32.87 6.80
N PHE B 8 1.11 32.13 7.85
CA PHE B 8 0.15 31.78 8.89
C PHE B 8 -0.08 33.05 9.68
N GLN B 9 -1.21 33.14 10.37
CA GLN B 9 -1.44 34.31 11.22
C GLN B 9 -0.36 34.09 12.28
N ALA B 10 0.26 35.17 12.76
CA ALA B 10 1.34 35.08 13.75
C ALA B 10 1.13 34.09 14.90
N GLU B 11 -0.04 34.10 15.51
CA GLU B 11 -0.35 33.22 16.63
C GLU B 11 -0.28 31.74 16.30
N ILE B 12 -0.62 31.37 15.07
CA ILE B 12 -0.59 29.97 14.71
C ILE B 12 0.85 29.50 14.70
N THR B 13 1.73 30.35 14.14
CA THR B 13 3.16 30.04 14.07
C THR B 13 3.77 29.91 15.49
N GLN B 14 3.31 30.75 16.41
CA GLN B 14 3.81 30.72 17.78
C GLN B 14 3.47 29.37 18.40
N LEU B 15 2.22 28.94 18.26
CA LEU B 15 1.79 27.67 18.81
C LEU B 15 2.54 26.49 18.19
N MET B 16 2.74 26.52 16.88
CA MET B 16 3.45 25.45 16.19
C MET B 16 4.89 25.32 16.69
N SER B 17 5.54 26.46 16.90
CA SER B 17 6.92 26.47 17.41
C SER B 17 6.91 25.90 18.84
N LEU B 18 5.91 26.28 19.61
CA LEU B 18 5.77 25.81 20.99
C LEU B 18 5.56 24.30 21.04
N ILE B 19 4.66 23.80 20.18
CA ILE B 19 4.37 22.38 20.14
C ILE B 19 5.52 21.55 19.60
N ILE B 20 6.13 21.98 18.50
CA ILE B 20 7.24 21.22 17.94
C ILE B 20 8.45 21.16 18.87
N ASN B 21 8.52 22.07 19.82
CA ASN B 21 9.65 22.11 20.75
C ASN B 21 9.39 21.55 22.15
N THR B 22 8.15 21.65 22.62
CA THR B 22 7.79 21.19 23.96
C THR B 22 8.32 19.81 24.31
N VAL B 23 8.58 19.59 25.60
CA VAL B 23 9.08 18.30 26.06
C VAL B 23 7.95 17.43 26.64
N TYR B 24 6.71 17.85 26.41
CA TYR B 24 5.53 17.11 26.87
C TYR B 24 5.74 15.59 26.66
N SER B 25 5.43 14.80 27.67
CA SER B 25 5.62 13.34 27.60
C SER B 25 4.55 12.53 26.88
N ASN B 26 3.29 12.80 27.19
CA ASN B 26 2.16 12.09 26.58
C ASN B 26 1.85 12.55 25.16
N LYS B 27 2.82 12.37 24.26
CA LYS B 27 2.67 12.79 22.86
C LYS B 27 1.65 12.00 22.06
N GLU B 28 1.29 10.81 22.53
CA GLU B 28 0.32 9.95 21.85
C GLU B 28 -1.05 10.59 21.62
N ILE B 29 -1.35 11.66 22.35
CA ILE B 29 -2.62 12.33 22.22
C ILE B 29 -2.81 12.98 20.82
N PHE B 30 -1.73 13.09 20.06
CA PHE B 30 -1.82 13.69 18.73
C PHE B 30 -2.76 12.87 17.81
N LEU B 31 -2.71 11.55 17.93
CA LEU B 31 -3.52 10.67 17.10
C LEU B 31 -5.02 10.81 17.35
N ARG B 32 -5.42 10.92 18.61
CA ARG B 32 -6.82 11.07 18.94
C ARG B 32 -7.38 12.35 18.31
N GLU B 33 -6.56 13.39 18.31
CA GLU B 33 -6.95 14.69 17.74
C GLU B 33 -7.12 14.61 16.24
N LEU B 34 -6.22 13.88 15.58
CA LEU B 34 -6.27 13.72 14.12
C LEU B 34 -7.41 12.81 13.69
N ILE B 35 -7.71 11.80 14.51
CA ILE B 35 -8.79 10.87 14.21
C ILE B 35 -10.12 11.59 14.43
N SER B 36 -10.11 12.50 15.39
CA SER B 36 -11.29 13.29 15.75
C SER B 36 -11.63 14.25 14.61
N ASN B 37 -10.59 14.82 14.01
CA ASN B 37 -10.75 15.75 12.88
C ASN B 37 -11.21 14.95 11.66
N ALA B 38 -10.74 13.71 11.55
CA ALA B 38 -11.12 12.84 10.45
C ALA B 38 -12.60 12.51 10.58
N SER B 39 -13.02 12.20 11.81
CA SER B 39 -14.42 11.87 12.08
C SER B 39 -15.33 13.05 11.72
N ASP B 40 -14.93 14.25 12.13
CA ASP B 40 -15.70 15.46 11.85
C ASP B 40 -15.85 15.68 10.34
N ALA B 41 -14.77 15.46 9.58
CA ALA B 41 -14.78 15.63 8.14
C ALA B 41 -15.75 14.63 7.51
N LEU B 42 -15.82 13.44 8.08
CA LEU B 42 -16.72 12.40 7.57
C LEU B 42 -18.16 12.76 7.90
N ASP B 43 -18.39 13.30 9.10
CA ASP B 43 -19.73 13.69 9.51
C ASP B 43 -20.24 14.74 8.52
N LYS B 44 -19.32 15.52 7.97
CA LYS B 44 -19.66 16.58 7.03
C LYS B 44 -20.21 16.12 5.69
N ILE B 45 -19.58 15.17 5.01
CA ILE B 45 -20.14 14.75 3.73
C ILE B 45 -21.35 13.88 3.99
N ARG B 46 -21.35 13.16 5.11
CA ARG B 46 -22.47 12.30 5.44
C ARG B 46 -23.71 13.16 5.50
N TYR B 47 -23.65 14.22 6.29
CA TYR B 47 -24.76 15.13 6.43
C TYR B 47 -25.17 15.72 5.07
N LYS B 48 -24.18 16.13 4.29
CA LYS B 48 -24.39 16.72 2.97
C LYS B 48 -25.03 15.75 1.97
N SER B 49 -24.68 14.47 2.09
CA SER B 49 -25.18 13.43 1.22
C SER B 49 -26.63 13.06 1.49
N LEU B 50 -27.15 13.52 2.63
CA LEU B 50 -28.52 13.22 3.01
C LEU B 50 -29.52 13.70 1.96
N SER B 51 -29.28 14.90 1.43
CA SER B 51 -30.13 15.49 0.41
C SER B 51 -29.47 15.45 -0.97
N ASP B 52 -28.17 15.18 -0.98
CA ASP B 52 -27.41 15.16 -2.22
C ASP B 52 -26.51 13.94 -2.23
N PRO B 53 -27.10 12.74 -2.25
CA PRO B 53 -26.36 11.47 -2.26
C PRO B 53 -25.28 11.36 -3.32
N LYS B 54 -25.43 12.13 -4.40
CA LYS B 54 -24.45 12.11 -5.49
C LYS B 54 -23.05 12.46 -4.98
N GLN B 55 -22.98 13.24 -3.91
CA GLN B 55 -21.71 13.67 -3.31
C GLN B 55 -20.83 12.50 -2.84
N LEU B 56 -21.45 11.38 -2.50
CA LEU B 56 -20.71 10.22 -2.02
C LEU B 56 -20.09 9.39 -3.13
N GLU B 57 -20.63 9.52 -4.34
CA GLU B 57 -20.16 8.72 -5.47
C GLU B 57 -18.68 8.81 -5.81
N THR B 58 -18.03 9.91 -5.44
CA THR B 58 -16.60 10.07 -5.72
C THR B 58 -15.79 9.11 -4.84
N GLU B 59 -16.43 8.67 -3.76
CA GLU B 59 -15.85 7.74 -2.77
C GLU B 59 -17.04 7.32 -1.88
N PRO B 60 -17.72 6.23 -2.23
CA PRO B 60 -18.88 5.73 -1.47
C PRO B 60 -18.65 5.32 -0.02
N ASP B 61 -17.46 4.83 0.31
CA ASP B 61 -17.22 4.40 1.68
C ASP B 61 -16.65 5.49 2.59
N LEU B 62 -17.22 5.58 3.79
CA LEU B 62 -16.80 6.55 4.80
C LEU B 62 -15.93 5.80 5.81
N PHE B 63 -14.65 6.15 5.85
CA PHE B 63 -13.72 5.47 6.73
C PHE B 63 -12.52 6.32 7.08
N ILE B 64 -11.70 5.82 8.00
CA ILE B 64 -10.47 6.46 8.41
C ILE B 64 -9.45 5.36 8.12
N ARG B 65 -8.29 5.72 7.61
CA ARG B 65 -7.27 4.74 7.27
C ARG B 65 -5.90 5.22 7.71
N ILE B 66 -5.18 4.37 8.44
CA ILE B 66 -3.84 4.72 8.93
C ILE B 66 -2.78 3.84 8.27
N THR B 67 -1.83 4.49 7.61
CA THR B 67 -0.78 3.77 6.91
C THR B 67 0.64 4.20 7.29
N PRO B 68 1.33 3.41 8.11
CA PRO B 68 2.69 3.79 8.49
C PRO B 68 3.61 3.37 7.34
N LYS B 69 4.55 4.25 6.99
CA LYS B 69 5.50 3.97 5.91
C LYS B 69 6.89 4.07 6.53
N PRO B 70 7.32 3.01 7.23
CA PRO B 70 8.64 2.97 7.87
C PRO B 70 9.81 3.46 7.02
N GLU B 71 9.85 3.06 5.76
CA GLU B 71 10.93 3.46 4.88
C GLU B 71 11.07 4.97 4.77
N GLN B 72 9.95 5.66 4.79
CA GLN B 72 9.94 7.11 4.69
C GLN B 72 9.81 7.75 6.06
N LYS B 73 9.64 6.93 7.09
CA LYS B 73 9.47 7.41 8.45
C LYS B 73 8.27 8.36 8.41
N VAL B 74 7.25 7.92 7.68
CA VAL B 74 6.04 8.68 7.49
C VAL B 74 4.83 7.91 8.02
N LEU B 75 3.88 8.63 8.61
CA LEU B 75 2.65 8.03 9.10
C LEU B 75 1.54 8.82 8.41
N GLU B 76 0.68 8.14 7.66
CA GLU B 76 -0.40 8.80 6.97
C GLU B 76 -1.74 8.52 7.63
N ILE B 77 -2.53 9.57 7.83
CA ILE B 77 -3.86 9.46 8.44
C ILE B 77 -4.82 9.91 7.35
N ARG B 78 -5.57 8.96 6.80
CA ARG B 78 -6.51 9.25 5.72
C ARG B 78 -7.98 9.12 6.11
N ASP B 79 -8.81 9.96 5.52
CA ASP B 79 -10.26 9.90 5.73
C ASP B 79 -10.94 10.20 4.39
N SER B 80 -12.16 9.70 4.20
CA SER B 80 -12.89 9.96 2.96
C SER B 80 -13.96 11.00 3.26
N GLY B 81 -13.62 11.96 4.11
CA GLY B 81 -14.55 13.00 4.48
C GLY B 81 -14.81 13.99 3.36
N ILE B 82 -15.35 15.14 3.72
CA ILE B 82 -15.68 16.17 2.75
C ILE B 82 -14.47 16.75 2.01
N GLY B 83 -13.27 16.61 2.58
CA GLY B 83 -12.10 17.14 1.92
C GLY B 83 -12.02 18.66 2.01
N MET B 84 -10.99 19.24 1.38
CA MET B 84 -10.79 20.69 1.40
C MET B 84 -10.30 21.17 0.05
N THR B 85 -10.91 22.24 -0.45
CA THR B 85 -10.53 22.82 -1.73
C THR B 85 -9.28 23.63 -1.44
N LYS B 86 -8.63 24.16 -2.49
CA LYS B 86 -7.43 24.96 -2.29
C LYS B 86 -7.72 26.09 -1.30
N ALA B 87 -8.83 26.79 -1.50
CA ALA B 87 -9.21 27.90 -0.63
C ALA B 87 -9.40 27.47 0.82
N GLU B 88 -10.06 26.34 1.03
CA GLU B 88 -10.31 25.84 2.38
C GLU B 88 -9.01 25.41 3.08
N LEU B 89 -8.09 24.81 2.34
CA LEU B 89 -6.81 24.39 2.94
C LEU B 89 -6.11 25.64 3.47
N ILE B 90 -6.09 26.70 2.65
CA ILE B 90 -5.47 27.96 3.00
C ILE B 90 -6.09 28.59 4.24
N ASN B 91 -7.40 28.75 4.22
CA ASN B 91 -8.14 29.37 5.32
C ASN B 91 -8.19 28.54 6.59
N ASN B 92 -8.61 27.29 6.45
CA ASN B 92 -8.75 26.36 7.57
C ASN B 92 -7.46 26.03 8.32
N LEU B 93 -6.37 25.90 7.58
CA LEU B 93 -5.11 25.56 8.22
C LEU B 93 -4.15 26.72 8.48
N GLY B 94 -4.30 27.81 7.75
CA GLY B 94 -3.38 28.92 7.96
C GLY B 94 -3.96 30.19 8.53
N THR B 95 -5.28 30.27 8.66
CA THR B 95 -5.87 31.50 9.15
C THR B 95 -6.85 31.47 10.31
N ILE B 96 -7.99 30.80 10.12
CA ILE B 96 -9.03 30.77 11.13
C ILE B 96 -8.68 30.15 12.48
N ALA B 97 -7.54 29.47 12.59
CA ALA B 97 -7.14 28.89 13.87
C ALA B 97 -6.52 29.95 14.79
N LYS B 98 -6.30 31.16 14.25
CA LYS B 98 -5.69 32.25 15.00
C LYS B 98 -6.19 32.44 16.42
N SER B 99 -7.50 32.66 16.57
CA SER B 99 -8.11 32.86 17.89
C SER B 99 -7.96 31.65 18.77
N GLY B 100 -8.17 30.48 18.20
CA GLY B 100 -8.04 29.25 18.95
C GLY B 100 -6.63 29.05 19.45
N THR B 101 -5.64 29.26 18.59
CA THR B 101 -4.26 29.08 19.01
C THR B 101 -3.87 30.11 20.05
N LYS B 102 -4.37 31.34 19.92
CA LYS B 102 -4.06 32.39 20.88
C LYS B 102 -4.62 32.08 22.26
N ALA B 103 -5.87 31.63 22.32
CA ALA B 103 -6.49 31.29 23.61
C ALA B 103 -5.81 30.08 24.25
N PHE B 104 -5.44 29.11 23.42
CA PHE B 104 -4.78 27.90 23.93
C PHE B 104 -3.45 28.26 24.57
N MET B 105 -2.69 29.12 23.91
CA MET B 105 -1.39 29.51 24.43
C MET B 105 -1.54 30.25 25.76
N GLU B 106 -2.59 31.07 25.86
CA GLU B 106 -2.85 31.80 27.08
C GLU B 106 -3.26 30.80 28.14
N ALA B 107 -3.98 29.77 27.72
CA ALA B 107 -4.43 28.73 28.63
C ALA B 107 -3.24 27.92 29.16
N LEU B 108 -2.26 27.66 28.29
CA LEU B 108 -1.08 26.90 28.68
C LEU B 108 -0.26 27.70 29.69
N SER B 109 -0.27 29.02 29.57
CA SER B 109 0.47 29.87 30.48
C SER B 109 -0.19 29.84 31.85
N ALA B 110 -1.51 29.74 31.86
CA ALA B 110 -2.29 29.70 33.10
C ALA B 110 -2.37 28.30 33.69
N GLY B 111 -1.55 27.38 33.19
CA GLY B 111 -1.54 26.03 33.71
C GLY B 111 -2.32 24.93 33.00
N ALA B 112 -2.78 25.18 31.78
CA ALA B 112 -3.53 24.16 31.05
C ALA B 112 -2.57 23.08 30.56
N ASP B 113 -3.12 21.90 30.27
CA ASP B 113 -2.33 20.78 29.77
C ASP B 113 -2.37 20.77 28.25
N VAL B 114 -1.30 20.33 27.61
CA VAL B 114 -1.23 20.29 26.17
C VAL B 114 -2.35 19.39 25.62
N SER B 115 -2.73 18.39 26.40
CA SER B 115 -3.79 17.45 25.98
C SER B 115 -5.17 18.09 25.85
N MET B 116 -5.32 19.33 26.27
CA MET B 116 -6.59 20.03 26.18
C MET B 116 -6.73 20.82 24.89
N ILE B 117 -5.72 20.74 24.03
CA ILE B 117 -5.69 21.46 22.77
C ILE B 117 -6.97 21.38 21.94
N GLY B 118 -7.59 20.20 21.91
CA GLY B 118 -8.81 20.01 21.14
C GLY B 118 -9.97 20.87 21.60
N GLN B 119 -9.97 21.21 22.89
CA GLN B 119 -11.03 22.04 23.44
C GLN B 119 -11.00 23.46 22.87
N PHE B 120 -9.89 23.84 22.25
CA PHE B 120 -9.76 25.16 21.65
C PHE B 120 -9.90 25.08 20.14
N GLY B 121 -10.24 23.89 19.65
CA GLY B 121 -10.45 23.67 18.24
C GLY B 121 -9.22 23.69 17.36
N VAL B 122 -8.05 23.46 17.96
CA VAL B 122 -6.83 23.48 17.17
C VAL B 122 -5.96 22.24 17.38
N GLY B 123 -6.62 21.11 17.67
CA GLY B 123 -5.91 19.86 17.88
C GLY B 123 -5.06 19.43 16.68
N PHE B 124 -5.37 19.95 15.51
CA PHE B 124 -4.62 19.62 14.29
C PHE B 124 -3.10 19.84 14.49
N TYR B 125 -2.72 20.94 15.12
CA TYR B 125 -1.32 21.27 15.32
C TYR B 125 -0.52 20.35 16.26
N SER B 126 -1.22 19.52 17.04
CA SER B 126 -0.54 18.62 17.96
C SER B 126 0.25 17.58 17.17
N LEU B 127 0.06 17.55 15.85
CA LEU B 127 0.80 16.61 15.03
C LEU B 127 2.28 16.93 15.15
N PHE B 128 2.60 18.16 15.53
CA PHE B 128 4.00 18.58 15.68
C PHE B 128 4.68 18.03 16.92
N LEU B 129 3.90 17.30 17.73
CA LEU B 129 4.46 16.68 18.92
C LEU B 129 5.30 15.50 18.41
N VAL B 130 4.85 14.85 17.34
CA VAL B 130 5.58 13.70 16.79
C VAL B 130 6.16 13.88 15.39
N ALA B 131 5.79 14.96 14.71
CA ALA B 131 6.27 15.20 13.36
C ALA B 131 7.02 16.51 13.20
N ASP B 132 7.95 16.52 12.25
CA ASP B 132 8.78 17.67 11.91
C ASP B 132 8.14 18.44 10.77
N ARG B 133 7.46 17.69 9.90
CA ARG B 133 6.82 18.26 8.72
C ARG B 133 5.51 17.54 8.43
N VAL B 134 4.58 18.25 7.80
CA VAL B 134 3.29 17.67 7.46
C VAL B 134 2.86 18.10 6.07
N GLN B 135 2.31 17.15 5.32
CA GLN B 135 1.79 17.43 3.99
C GLN B 135 0.32 17.04 4.07
N VAL B 136 -0.56 18.01 3.83
CA VAL B 136 -1.99 17.72 3.82
C VAL B 136 -2.40 17.62 2.36
N ILE B 137 -2.68 16.40 1.91
CA ILE B 137 -3.11 16.15 0.54
C ILE B 137 -4.61 16.04 0.59
N SER B 138 -5.31 16.95 -0.10
CA SER B 138 -6.76 16.90 -0.04
C SER B 138 -7.47 16.98 -1.38
N LYS B 139 -8.67 16.42 -1.40
CA LYS B 139 -9.48 16.43 -2.60
C LYS B 139 -10.94 16.61 -2.20
N SER B 140 -11.48 17.79 -2.51
CA SER B 140 -12.87 18.09 -2.22
C SER B 140 -13.58 17.82 -3.55
N ASN B 141 -14.89 17.55 -3.48
CA ASN B 141 -15.65 17.28 -4.69
C ASN B 141 -15.65 18.56 -5.51
N ASP B 142 -15.45 19.69 -4.83
CA ASP B 142 -15.47 21.00 -5.46
C ASP B 142 -14.14 21.53 -5.98
N ASP B 143 -13.09 20.73 -5.96
CA ASP B 143 -11.80 21.21 -6.44
C ASP B 143 -10.90 20.05 -6.83
N GLU B 144 -9.74 20.39 -7.38
CA GLU B 144 -8.74 19.41 -7.78
C GLU B 144 -7.98 19.02 -6.53
N GLN B 145 -7.14 17.99 -6.64
CA GLN B 145 -6.36 17.54 -5.51
C GLN B 145 -5.22 18.53 -5.27
N TYR B 146 -5.05 18.95 -4.02
CA TYR B 146 -4.00 19.89 -3.65
C TYR B 146 -3.17 19.37 -2.48
N ILE B 147 -1.99 19.97 -2.31
CA ILE B 147 -1.09 19.61 -1.22
C ILE B 147 -0.77 20.88 -0.45
N TRP B 148 -1.00 20.84 0.85
CA TRP B 148 -0.71 21.96 1.73
C TRP B 148 0.50 21.44 2.51
N GLU B 149 1.56 22.23 2.62
CA GLU B 149 2.74 21.75 3.35
C GLU B 149 3.22 22.75 4.39
N SER B 150 3.69 22.22 5.53
CA SER B 150 4.19 23.04 6.63
C SER B 150 5.28 22.35 7.42
N ASN B 151 6.16 23.14 8.03
CA ASN B 151 7.25 22.61 8.86
C ASN B 151 7.28 23.38 10.17
N ALA B 152 6.12 23.92 10.54
CA ALA B 152 5.94 24.70 11.77
C ALA B 152 6.43 26.14 11.64
N GLY B 153 7.06 26.44 10.51
CA GLY B 153 7.55 27.78 10.25
C GLY B 153 6.39 28.70 9.93
N GLY B 154 6.67 30.01 9.80
CA GLY B 154 5.63 30.98 9.52
C GLY B 154 5.02 31.02 8.13
N SER B 155 5.48 30.14 7.24
CA SER B 155 4.95 30.11 5.88
C SER B 155 4.54 28.70 5.47
N PHE B 156 3.51 28.61 4.63
CA PHE B 156 3.04 27.33 4.13
C PHE B 156 2.79 27.46 2.63
N THR B 157 2.86 26.33 1.92
CA THR B 157 2.62 26.32 0.49
C THR B 157 1.44 25.44 0.11
N VAL B 158 0.81 25.77 -1.02
CA VAL B 158 -0.33 25.01 -1.54
C VAL B 158 0.02 24.68 -2.99
N THR B 159 0.14 23.39 -3.30
CA THR B 159 0.53 22.94 -4.64
C THR B 159 -0.48 22.03 -5.31
N LEU B 160 -0.85 22.35 -6.55
CA LEU B 160 -1.77 21.50 -7.31
C LEU B 160 -1.10 20.14 -7.26
N ASP B 161 -1.82 19.11 -6.85
CA ASP B 161 -1.24 17.79 -6.75
C ASP B 161 -1.03 17.05 -8.08
N GLU B 162 0.22 16.74 -8.37
CA GLU B 162 0.57 16.03 -9.59
C GLU B 162 1.60 14.94 -9.33
N VAL B 163 1.92 14.72 -8.05
CA VAL B 163 2.89 13.69 -7.68
C VAL B 163 2.29 12.52 -6.92
N ASN B 164 1.27 12.78 -6.11
CA ASN B 164 0.65 11.71 -5.32
C ASN B 164 -0.48 10.98 -6.03
N GLU B 165 -0.81 9.81 -5.51
CA GLU B 165 -1.89 8.99 -6.03
C GLU B 165 -3.17 9.78 -5.83
N ARG B 166 -4.03 9.75 -6.85
CA ARG B 166 -5.30 10.49 -6.80
C ARG B 166 -6.32 9.77 -5.95
N ILE B 167 -6.90 10.48 -4.99
CA ILE B 167 -7.91 9.89 -4.11
C ILE B 167 -9.31 10.31 -4.55
N GLY B 168 -10.31 9.48 -4.25
CA GLY B 168 -11.66 9.80 -4.66
C GLY B 168 -12.20 11.08 -4.03
N ARG B 169 -12.01 11.18 -2.73
CA ARG B 169 -12.46 12.33 -1.95
C ARG B 169 -11.91 12.14 -0.54
N GLY B 170 -11.51 13.24 0.07
CA GLY B 170 -11.01 13.15 1.44
C GLY B 170 -9.71 13.88 1.65
N THR B 171 -9.10 13.59 2.80
CA THR B 171 -7.85 14.22 3.16
C THR B 171 -6.86 13.23 3.78
N ILE B 172 -5.59 13.40 3.43
CA ILE B 172 -4.54 12.55 3.98
C ILE B 172 -3.61 13.48 4.75
N LEU B 173 -3.32 13.13 6.00
CA LEU B 173 -2.36 13.91 6.77
C LEU B 173 -1.11 13.04 6.70
N ARG B 174 -0.16 13.42 5.85
CA ARG B 174 1.08 12.69 5.71
C ARG B 174 2.05 13.32 6.68
N LEU B 175 2.34 12.61 7.77
CA LEU B 175 3.22 13.10 8.81
C LEU B 175 4.66 12.57 8.71
N PHE B 176 5.62 13.49 8.70
CA PHE B 176 7.03 13.10 8.63
C PHE B 176 7.52 13.13 10.08
N LEU B 177 7.52 11.96 10.70
CA LEU B 177 7.88 11.76 12.10
C LEU B 177 9.30 12.12 12.51
N LYS B 178 9.45 12.63 13.73
CA LYS B 178 10.75 12.99 14.28
C LYS B 178 11.53 11.69 14.50
N ASP B 179 12.85 11.76 14.49
CA ASP B 179 13.69 10.58 14.66
C ASP B 179 13.47 9.83 15.97
N ASP B 180 12.96 10.54 16.98
CA ASP B 180 12.70 9.92 18.28
C ASP B 180 11.26 9.50 18.50
N GLN B 181 10.42 9.63 17.48
CA GLN B 181 9.00 9.27 17.61
C GLN B 181 8.57 8.17 16.65
N LEU B 182 9.52 7.37 16.17
CA LEU B 182 9.21 6.31 15.23
C LEU B 182 8.33 5.18 15.77
N GLU B 183 8.09 5.17 17.08
CA GLU B 183 7.26 4.12 17.65
C GLU B 183 5.85 4.15 17.05
N TYR B 184 5.44 5.30 16.51
CA TYR B 184 4.10 5.44 15.94
C TYR B 184 3.98 4.83 14.55
N LEU B 185 5.03 4.12 14.15
CA LEU B 185 5.06 3.44 12.86
C LEU B 185 4.73 1.98 13.13
N GLU B 186 4.75 1.59 14.40
CA GLU B 186 4.49 0.20 14.79
C GLU B 186 3.01 -0.13 15.02
N GLU B 187 2.59 -1.25 14.43
CA GLU B 187 1.20 -1.70 14.53
C GLU B 187 0.68 -1.85 15.95
N LYS B 188 1.44 -2.55 16.79
CA LYS B 188 1.02 -2.75 18.18
C LYS B 188 0.80 -1.44 18.90
N ARG B 189 1.74 -0.52 18.73
CA ARG B 189 1.67 0.80 19.36
C ARG B 189 0.46 1.63 18.89
N ILE B 190 0.24 1.69 17.57
CA ILE B 190 -0.88 2.45 17.02
C ILE B 190 -2.21 1.90 17.53
N LYS B 191 -2.29 0.57 17.63
CA LYS B 191 -3.50 -0.09 18.11
C LYS B 191 -3.81 0.25 19.56
N GLU B 192 -2.79 0.30 20.42
CA GLU B 192 -3.03 0.62 21.81
C GLU B 192 -3.43 2.09 22.02
N VAL B 193 -2.90 2.98 21.19
CA VAL B 193 -3.23 4.40 21.30
C VAL B 193 -4.68 4.60 20.85
N ILE B 194 -5.10 3.84 19.83
CA ILE B 194 -6.47 3.93 19.34
C ILE B 194 -7.44 3.34 20.36
N LYS B 195 -7.10 2.20 20.94
CA LYS B 195 -7.97 1.57 21.93
C LYS B 195 -8.07 2.44 23.18
N ARG B 196 -7.00 3.18 23.46
CA ARG B 196 -6.95 4.03 24.64
C ARG B 196 -7.71 5.36 24.52
N HIS B 197 -7.71 5.96 23.33
CA HIS B 197 -8.38 7.26 23.17
C HIS B 197 -9.41 7.40 22.05
N SER B 198 -9.43 6.50 21.08
CA SER B 198 -10.38 6.63 19.97
C SER B 198 -11.10 5.33 19.67
N GLU B 199 -11.49 4.62 20.71
CA GLU B 199 -12.15 3.33 20.55
C GLU B 199 -13.62 3.41 20.18
N PHE B 200 -14.23 4.58 20.30
CA PHE B 200 -15.64 4.69 19.98
C PHE B 200 -15.98 5.67 18.86
N VAL B 201 -15.11 5.74 17.87
CA VAL B 201 -15.30 6.60 16.72
C VAL B 201 -16.38 5.91 15.89
N ALA B 202 -17.31 6.69 15.36
CA ALA B 202 -18.42 6.14 14.60
C ALA B 202 -18.10 5.68 13.19
N TYR B 203 -16.82 5.55 12.87
CA TYR B 203 -16.40 5.10 11.54
C TYR B 203 -15.34 4.02 11.63
N PRO B 204 -15.30 3.12 10.65
CA PRO B 204 -14.29 2.07 10.70
C PRO B 204 -12.90 2.67 10.56
N ILE B 205 -11.96 2.19 11.37
CA ILE B 205 -10.60 2.68 11.30
C ILE B 205 -9.72 1.54 10.81
N GLN B 206 -9.28 1.64 9.56
CA GLN B 206 -8.43 0.62 8.98
C GLN B 206 -6.96 0.93 9.17
N LEU B 207 -6.20 -0.10 9.50
CA LEU B 207 -4.78 0.02 9.71
C LEU B 207 -4.10 -0.81 8.60
N VAL B 208 -3.36 -0.15 7.71
CA VAL B 208 -2.66 -0.83 6.63
C VAL B 208 -1.25 -1.08 7.11
N VAL B 209 -0.95 -2.35 7.38
CA VAL B 209 0.35 -2.72 7.89
C VAL B 209 1.17 -3.62 6.97
N THR B 210 2.47 -3.36 6.94
CA THR B 210 3.40 -4.16 6.15
C THR B 210 4.31 -4.84 7.18
N LYS B 211 4.20 -6.15 7.27
CA LYS B 211 4.97 -6.92 8.23
C LYS B 211 5.82 -7.94 7.50
N GLU B 212 7.10 -8.01 7.88
CA GLU B 212 8.01 -8.96 7.28
C GLU B 212 7.72 -10.32 7.90
N VAL B 213 7.42 -11.29 7.06
CA VAL B 213 7.13 -12.62 7.57
C VAL B 213 8.43 -13.18 8.14
N GLU B 214 8.42 -13.46 9.44
CA GLU B 214 9.58 -13.98 10.13
C GLU B 214 9.90 -15.40 9.66
N LYS B 215 11.12 -15.84 9.92
CA LYS B 215 11.58 -17.18 9.54
C LYS B 215 11.01 -18.20 10.53
N GLU B 216 10.77 -19.42 10.06
CA GLU B 216 10.23 -20.48 10.91
C GLU B 216 11.10 -20.58 12.18
N VAL B 217 12.41 -20.55 11.96
CA VAL B 217 13.38 -20.60 13.06
C VAL B 217 14.46 -19.59 12.70
N PRO B 218 14.55 -18.49 13.45
CA PRO B 218 15.51 -17.39 13.27
C PRO B 218 16.84 -17.82 12.65
N ILE B 219 17.41 -16.94 11.84
CA ILE B 219 18.69 -17.17 11.15
C ILE B 219 18.42 -17.64 9.71
C1 GOL C . 6.89 -15.67 -12.11
O1 GOL C . 7.77 -15.06 -11.15
C2 GOL C . 7.61 -15.99 -13.47
O2 GOL C . 7.53 -17.41 -13.73
C3 GOL C . 9.12 -15.56 -13.44
O3 GOL C . 9.94 -16.58 -14.03
C1 GOL D . -16.07 23.01 6.88
O1 GOL D . -17.24 22.43 6.28
C2 GOL D . -14.76 22.74 6.05
O2 GOL D . -14.19 24.00 5.65
C3 GOL D . -15.04 21.88 4.77
O3 GOL D . -13.89 21.14 4.40
C1 GOL E . -21.85 4.18 5.67
O1 GOL E . -22.68 5.31 5.38
C2 GOL E . -21.14 3.62 4.39
O2 GOL E . -19.72 3.68 4.57
C3 GOL E . -21.52 4.44 3.11
O3 GOL E . -21.03 3.76 1.95
C1 GOL F . -21.30 23.24 2.27
O1 GOL F . -21.43 21.81 2.35
C2 GOL F . -19.80 23.72 2.29
O2 GOL F . -19.52 24.45 1.07
C3 GOL F . -18.80 22.52 2.41
O3 GOL F . -17.44 22.95 2.29
#